data_2XB9
#
_entry.id   2XB9
#
_cell.length_a   100.560
_cell.length_b   100.560
_cell.length_c   105.449
_cell.angle_alpha   90.00
_cell.angle_beta   90.00
_cell.angle_gamma   90.00
#
_symmetry.space_group_name_H-M   'P 42 2 2'
#
loop_
_entity.id
_entity.type
_entity.pdbx_description
1 polymer '3-DEHYDROQUINATE DEHYDRATASE'
2 non-polymer '(1R,2R,4S,5R)-1,4,5-TRIHYDROXY-2-(4-METHOXYBENZYL)-3-OXOCYCLOHEXANECARBOXYLIC ACID'
3 non-polymer 'CITRIC ACID'
4 water water
#
_entity_poly.entity_id   1
_entity_poly.type   'polypeptide(L)'
_entity_poly.pdbx_seq_one_letter_code
;MKILVIQGPNLNMLGHRDPRLYGMVTLDQIHEIMQTFVKQGNLDVELEFFQTNFEGEIIDKIQESVGSDYEGIIINPGAF
SHTSIAIADAIMLAGKPVIEVHLTNIQAREEFRKNSYTGAACGGVIMGFGPLGYNMALMAMVNILAEMKAFQEAQKNNPN
NPINNQK
;
_entity_poly.pdbx_strand_id   A,B,C
#
# COMPACT_ATOMS: atom_id res chain seq x y z
N MET A 1 9.46 19.23 -24.42
CA MET A 1 8.55 19.27 -23.24
C MET A 1 8.10 17.87 -22.90
N LYS A 2 8.53 17.41 -21.72
CA LYS A 2 8.31 16.05 -21.28
C LYS A 2 7.11 15.94 -20.29
N ILE A 3 6.08 15.16 -20.66
CA ILE A 3 4.97 14.88 -19.78
C ILE A 3 4.98 13.44 -19.32
N LEU A 4 4.84 13.24 -18.01
CA LEU A 4 4.80 11.91 -17.42
C LEU A 4 3.35 11.50 -17.30
N VAL A 5 3.02 10.26 -17.69
CA VAL A 5 1.69 9.68 -17.50
C VAL A 5 1.75 8.44 -16.60
N ILE A 6 1.11 8.55 -15.44
CA ILE A 6 1.11 7.49 -14.43
C ILE A 6 -0.27 6.86 -14.35
N GLN A 7 -0.29 5.54 -14.49
CA GLN A 7 -1.53 4.79 -14.46
C GLN A 7 -1.51 3.87 -13.28
N GLY A 8 -2.58 3.90 -12.49
CA GLY A 8 -2.61 3.22 -11.20
C GLY A 8 -3.01 1.78 -11.30
N PRO A 9 -3.31 1.14 -10.16
CA PRO A 9 -3.61 -0.27 -10.10
C PRO A 9 -4.73 -0.70 -11.00
N ASN A 10 -4.63 -1.93 -11.51
CA ASN A 10 -5.67 -2.57 -12.35
C ASN A 10 -5.93 -1.95 -13.72
N LEU A 11 -5.26 -0.83 -14.03
CA LEU A 11 -5.52 -0.14 -15.28
C LEU A 11 -4.86 -0.89 -16.45
N ASN A 12 -3.91 -1.78 -16.17
CA ASN A 12 -3.37 -2.71 -17.19
C ASN A 12 -4.32 -3.82 -17.60
N MET A 13 -5.37 -4.06 -16.83
CA MET A 13 -6.37 -5.06 -17.17
C MET A 13 -7.52 -4.42 -17.89
N LEU A 14 -7.39 -3.13 -18.13
CA LEU A 14 -8.41 -2.38 -18.82
C LEU A 14 -8.55 -2.94 -20.21
N GLY A 15 -9.72 -2.72 -20.81
CA GLY A 15 -9.99 -3.22 -22.15
C GLY A 15 -10.28 -4.70 -22.13
N HIS A 16 -9.52 -5.44 -21.33
CA HIS A 16 -9.68 -6.87 -21.26
C HIS A 16 -10.94 -7.32 -20.49
N ARG A 17 -11.48 -6.50 -19.58
CA ARG A 17 -12.54 -6.97 -18.62
C ARG A 17 -13.56 -5.95 -18.07
N ASP A 18 -14.86 -6.30 -18.15
CA ASP A 18 -16.04 -5.44 -17.85
C ASP A 18 -16.31 -4.26 -18.83
N PRO A 19 -16.79 -4.59 -20.05
CA PRO A 19 -17.26 -3.60 -21.02
C PRO A 19 -18.37 -2.63 -20.56
N ARG A 20 -18.96 -2.82 -19.38
CA ARG A 20 -20.08 -1.96 -18.97
C ARG A 20 -19.65 -0.56 -18.51
N LEU A 21 -18.63 -0.50 -17.65
CA LEU A 21 -18.05 0.79 -17.22
C LEU A 21 -16.96 1.30 -18.19
N TYR A 22 -16.22 0.35 -18.76
CA TYR A 22 -14.93 0.64 -19.36
C TYR A 22 -14.84 0.47 -20.88
N GLY A 23 -15.71 -0.34 -21.48
CA GLY A 23 -15.68 -0.57 -22.93
C GLY A 23 -14.60 -1.54 -23.40
N MET A 24 -14.18 -1.43 -24.66
CA MET A 24 -13.29 -2.45 -25.26
C MET A 24 -11.89 -1.92 -25.66
N VAL A 25 -11.31 -1.01 -24.88
CA VAL A 25 -10.05 -0.35 -25.25
C VAL A 25 -8.97 -0.70 -24.26
N THR A 26 -7.82 -1.17 -24.73
CA THR A 26 -6.72 -1.51 -23.83
C THR A 26 -5.98 -0.28 -23.33
N LEU A 27 -5.15 -0.46 -22.32
CA LEU A 27 -4.28 0.61 -21.86
C LEU A 27 -3.32 1.07 -22.95
N ASP A 28 -2.67 0.14 -23.65
CA ASP A 28 -1.83 0.46 -24.83
C ASP A 28 -2.60 1.25 -25.87
N GLN A 29 -3.85 0.88 -26.14
CA GLN A 29 -4.69 1.68 -27.05
C GLN A 29 -4.88 3.15 -26.61
N ILE A 30 -4.99 3.40 -25.31
CA ILE A 30 -5.15 4.77 -24.79
C ILE A 30 -3.86 5.54 -25.00
N HIS A 31 -2.74 4.87 -24.76
CA HIS A 31 -1.44 5.52 -24.90
C HIS A 31 -1.12 5.90 -26.33
N GLU A 32 -1.59 5.13 -27.31
CA GLU A 32 -1.35 5.53 -28.69
C GLU A 32 -2.33 6.60 -29.18
N ILE A 33 -3.55 6.63 -28.64
CA ILE A 33 -4.42 7.76 -28.93
C ILE A 33 -3.78 9.05 -28.44
N MET A 34 -3.03 8.98 -27.35
CA MET A 34 -2.37 10.18 -26.80
C MET A 34 -1.19 10.61 -27.68
N GLN A 35 -0.59 9.63 -28.35
CA GLN A 35 0.50 9.88 -29.29
C GLN A 35 0.00 10.57 -30.55
N THR A 36 -1.03 10.01 -31.18
CA THR A 36 -1.63 10.59 -32.36
C THR A 36 -1.97 12.03 -32.06
N PHE A 37 -2.61 12.27 -30.93
CA PHE A 37 -3.05 13.61 -30.58
C PHE A 37 -1.87 14.59 -30.62
N VAL A 38 -0.76 14.22 -30.01
CA VAL A 38 0.42 15.08 -29.95
C VAL A 38 1.03 15.29 -31.34
N LYS A 39 1.27 14.20 -32.07
CA LYS A 39 1.85 14.31 -33.42
C LYS A 39 0.89 15.05 -34.37
N GLN A 40 -0.40 14.75 -34.30
CA GLN A 40 -1.36 15.45 -35.14
C GLN A 40 -1.38 16.95 -34.88
N GLY A 41 -1.68 17.37 -33.66
CA GLY A 41 -1.62 18.79 -33.28
C GLY A 41 -0.25 19.46 -33.41
N ASN A 42 0.75 18.67 -33.80
CA ASN A 42 2.11 19.14 -34.05
C ASN A 42 2.75 19.74 -32.78
N LEU A 43 2.35 19.23 -31.63
CA LEU A 43 2.78 19.73 -30.34
C LEU A 43 4.21 19.27 -30.01
N ASP A 44 5.01 20.13 -29.40
CA ASP A 44 6.35 19.74 -28.93
C ASP A 44 6.17 19.13 -27.54
N VAL A 45 5.68 17.89 -27.51
CA VAL A 45 5.43 17.18 -26.28
C VAL A 45 5.96 15.78 -26.44
N GLU A 46 6.66 15.29 -25.43
CA GLU A 46 7.14 13.94 -25.44
C GLU A 46 6.60 13.21 -24.20
N LEU A 47 5.84 12.15 -24.44
CA LEU A 47 5.17 11.43 -23.39
C LEU A 47 6.00 10.26 -22.91
N GLU A 48 6.11 10.09 -21.58
CA GLU A 48 6.55 8.83 -21.00
C GLU A 48 5.39 8.19 -20.24
N PHE A 49 5.21 6.89 -20.41
CA PHE A 49 4.10 6.16 -19.77
C PHE A 49 4.59 5.22 -18.65
N PHE A 50 3.83 5.14 -17.56
CA PHE A 50 4.19 4.24 -16.48
C PHE A 50 2.95 3.70 -15.78
N GLN A 51 2.87 2.38 -15.61
CA GLN A 51 1.75 1.73 -14.93
C GLN A 51 2.30 0.78 -13.89
N THR A 52 1.67 0.82 -12.71
CA THR A 52 2.08 -0.01 -11.60
C THR A 52 0.87 -0.32 -10.74
N ASN A 53 0.89 -1.44 -10.03
CA ASN A 53 -0.12 -1.75 -9.03
C ASN A 53 0.40 -1.40 -7.63
N PHE A 54 1.49 -0.65 -7.52
CA PHE A 54 2.15 -0.43 -6.25
C PHE A 54 2.08 1.02 -5.80
N GLU A 55 1.47 1.28 -4.64
CA GLU A 55 1.41 2.64 -4.08
C GLU A 55 2.82 3.24 -3.99
N GLY A 56 3.80 2.47 -3.57
CA GLY A 56 5.16 3.00 -3.43
C GLY A 56 5.85 3.44 -4.73
N GLU A 57 5.62 2.66 -5.79
CA GLU A 57 6.19 3.00 -7.10
C GLU A 57 5.67 4.31 -7.67
N ILE A 58 4.35 4.53 -7.54
CA ILE A 58 3.77 5.82 -7.85
C ILE A 58 4.46 6.95 -7.09
N ILE A 59 4.64 6.79 -5.78
CA ILE A 59 5.30 7.83 -4.99
C ILE A 59 6.75 8.02 -5.44
N ASP A 60 7.46 6.91 -5.67
CA ASP A 60 8.86 6.98 -6.19
C ASP A 60 8.90 7.77 -7.48
N LYS A 61 7.96 7.47 -8.36
CA LYS A 61 7.96 8.07 -9.67
C LYS A 61 7.66 9.57 -9.61
N ILE A 62 6.76 9.98 -8.74
CA ILE A 62 6.46 11.42 -8.59
C ILE A 62 7.67 12.12 -8.04
N GLN A 63 8.40 11.42 -7.19
CA GLN A 63 9.58 12.00 -6.58
C GLN A 63 10.70 12.21 -7.60
N GLU A 64 10.83 11.32 -8.57
CA GLU A 64 11.82 11.47 -9.66
C GLU A 64 11.55 12.70 -10.52
N SER A 65 10.28 13.01 -10.76
CA SER A 65 9.94 14.16 -11.56
C SER A 65 10.48 15.49 -11.02
N VAL A 66 10.84 15.53 -9.75
CA VAL A 66 11.35 16.75 -9.14
C VAL A 66 12.65 17.16 -9.85
N GLY A 67 13.61 16.21 -9.92
CA GLY A 67 14.79 16.31 -10.83
C GLY A 67 14.28 16.44 -12.27
N SER A 68 14.06 17.68 -12.68
CA SER A 68 13.05 17.94 -13.70
C SER A 68 13.54 17.85 -15.14
N ASP A 69 13.49 16.66 -15.72
CA ASP A 69 13.29 16.63 -17.15
C ASP A 69 11.77 16.89 -17.40
N TYR A 70 10.92 16.38 -16.50
CA TYR A 70 9.47 16.48 -16.66
C TYR A 70 8.92 17.82 -16.20
N GLU A 71 7.87 18.27 -16.86
CA GLU A 71 7.24 19.55 -16.58
C GLU A 71 5.81 19.42 -16.09
N GLY A 72 5.27 18.21 -16.14
CA GLY A 72 3.92 17.97 -15.70
C GLY A 72 3.62 16.51 -15.61
N ILE A 73 2.61 16.18 -14.79
CA ILE A 73 2.13 14.82 -14.62
C ILE A 73 0.63 14.71 -14.89
N ILE A 74 0.24 13.71 -15.67
CA ILE A 74 -1.14 13.34 -15.81
C ILE A 74 -1.30 12.02 -15.09
N ILE A 75 -2.20 11.92 -14.13
CA ILE A 75 -2.25 10.74 -13.28
C ILE A 75 -3.65 10.23 -13.09
N ASN A 76 -3.81 8.92 -13.21
CA ASN A 76 -5.02 8.23 -12.80
C ASN A 76 -4.63 7.22 -11.70
N PRO A 77 -4.80 7.61 -10.42
CA PRO A 77 -4.28 6.78 -9.33
C PRO A 77 -5.17 5.61 -9.03
N GLY A 78 -6.26 5.50 -9.75
CA GLY A 78 -7.07 4.31 -9.65
C GLY A 78 -7.70 4.24 -8.28
N ALA A 79 -7.81 3.04 -7.73
CA ALA A 79 -8.42 2.90 -6.40
C ALA A 79 -7.62 3.59 -5.31
N PHE A 80 -6.34 3.88 -5.54
CA PHE A 80 -5.54 4.63 -4.55
C PHE A 80 -5.98 6.08 -4.33
N SER A 81 -6.82 6.59 -5.23
CA SER A 81 -7.34 7.94 -5.12
C SER A 81 -8.12 8.13 -3.83
N HIS A 82 -8.81 7.07 -3.43
CA HIS A 82 -9.74 7.13 -2.33
C HIS A 82 -9.08 6.80 -1.00
N THR A 83 -7.91 6.16 -1.04
CA THR A 83 -7.26 5.72 0.16
C THR A 83 -5.91 6.34 0.44
N SER A 84 -5.20 6.86 -0.55
CA SER A 84 -3.81 7.18 -0.33
C SER A 84 -3.54 8.62 0.06
N ILE A 85 -3.34 8.88 1.36
CA ILE A 85 -2.83 10.21 1.79
C ILE A 85 -1.37 10.39 1.30
N ALA A 86 -0.64 9.28 1.18
CA ALA A 86 0.76 9.31 0.76
C ALA A 86 0.90 9.86 -0.65
N ILE A 87 0.15 9.31 -1.58
CA ILE A 87 0.24 9.77 -2.94
C ILE A 87 -0.21 11.25 -2.99
N ALA A 88 -1.28 11.62 -2.28
CA ALA A 88 -1.65 13.04 -2.19
C ALA A 88 -0.50 13.88 -1.65
N ASP A 89 0.25 13.39 -0.69
CA ASP A 89 1.36 14.18 -0.16
C ASP A 89 2.46 14.32 -1.22
N ALA A 90 2.77 13.22 -1.90
CA ALA A 90 3.72 13.23 -3.00
C ALA A 90 3.38 14.32 -4.00
N ILE A 91 2.12 14.35 -4.43
CA ILE A 91 1.64 15.32 -5.42
C ILE A 91 1.81 16.75 -4.95
N MET A 92 1.51 17.00 -3.69
CA MET A 92 1.66 18.33 -3.14
C MET A 92 3.10 18.84 -3.08
N LEU A 93 4.10 17.97 -3.12
CA LEU A 93 5.48 18.46 -3.18
C LEU A 93 6.15 18.35 -4.56
N ALA A 94 5.38 18.06 -5.61
CA ALA A 94 5.94 17.92 -6.93
C ALA A 94 6.47 19.25 -7.41
N GLY A 95 5.77 20.33 -7.10
CA GLY A 95 6.10 21.62 -7.65
C GLY A 95 5.93 21.66 -9.16
N LYS A 96 4.89 20.98 -9.64
CA LYS A 96 4.51 21.10 -11.05
C LYS A 96 3.09 20.65 -11.29
N PRO A 97 2.45 21.19 -12.31
CA PRO A 97 1.10 20.81 -12.60
C PRO A 97 0.92 19.31 -12.56
N VAL A 98 -0.10 18.87 -11.83
CA VAL A 98 -0.59 17.49 -11.83
C VAL A 98 -2.10 17.50 -12.13
N ILE A 99 -2.52 16.80 -13.18
CA ILE A 99 -3.93 16.68 -13.52
C ILE A 99 -4.37 15.23 -13.25
N GLU A 100 -5.52 15.04 -12.57
CA GLU A 100 -6.05 13.71 -12.31
C GLU A 100 -7.12 13.36 -13.33
N VAL A 101 -7.05 12.15 -13.88
CA VAL A 101 -8.02 11.65 -14.80
C VAL A 101 -8.63 10.36 -14.26
N HIS A 102 -9.94 10.23 -14.42
CA HIS A 102 -10.63 8.97 -14.22
C HIS A 102 -11.47 8.66 -15.46
N LEU A 103 -11.42 7.42 -15.90
CA LEU A 103 -12.27 6.92 -17.00
C LEU A 103 -13.75 7.05 -16.64
N THR A 104 -14.06 6.74 -15.40
CA THR A 104 -15.43 6.71 -14.93
C THR A 104 -15.79 7.93 -14.06
N ASN A 105 -17.08 8.23 -14.00
CA ASN A 105 -17.58 9.30 -13.18
C ASN A 105 -17.69 8.81 -11.76
N ILE A 106 -16.68 9.10 -10.95
CA ILE A 106 -16.67 8.56 -9.58
C ILE A 106 -17.71 9.18 -8.65
N GLN A 107 -18.32 10.30 -9.06
CA GLN A 107 -19.46 10.83 -8.35
C GLN A 107 -20.71 9.97 -8.55
N ALA A 108 -20.71 8.98 -9.45
CA ALA A 108 -21.91 8.17 -9.68
C ALA A 108 -21.77 6.69 -9.27
N ARG A 109 -20.70 6.32 -8.58
CA ARG A 109 -20.47 4.91 -8.26
C ARG A 109 -20.64 4.71 -6.77
N GLU A 110 -20.06 3.64 -6.23
CA GLU A 110 -20.18 3.36 -4.81
C GLU A 110 -19.72 4.55 -3.93
N GLU A 111 -20.18 4.57 -2.70
CA GLU A 111 -19.93 5.69 -1.80
C GLU A 111 -18.47 5.86 -1.43
N PHE A 112 -17.76 4.74 -1.26
CA PHE A 112 -16.36 4.80 -0.93
C PHE A 112 -15.47 5.29 -2.08
N ARG A 113 -16.04 5.56 -3.25
CA ARG A 113 -15.27 6.05 -4.40
C ARG A 113 -15.44 7.54 -4.63
N LYS A 114 -16.16 8.22 -3.77
CA LYS A 114 -16.53 9.61 -4.05
C LYS A 114 -15.44 10.61 -3.71
N ASN A 115 -14.76 10.39 -2.59
CA ASN A 115 -13.64 11.25 -2.16
C ASN A 115 -12.38 10.84 -2.92
N SER A 116 -11.64 11.84 -3.38
CA SER A 116 -10.32 11.62 -3.90
C SER A 116 -9.34 12.45 -3.08
N TYR A 117 -8.61 11.84 -2.16
CA TYR A 117 -7.51 12.54 -1.51
C TYR A 117 -6.60 13.16 -2.56
N THR A 118 -6.19 12.35 -3.52
CA THR A 118 -5.27 12.75 -4.55
C THR A 118 -5.82 13.90 -5.37
N GLY A 119 -7.10 13.79 -5.73
CA GLY A 119 -7.74 14.84 -6.52
C GLY A 119 -7.71 16.22 -5.88
N ALA A 120 -7.87 16.23 -4.57
CA ALA A 120 -7.82 17.48 -3.81
C ALA A 120 -6.43 18.15 -3.87
N ALA A 121 -5.39 17.35 -4.09
CA ALA A 121 -4.01 17.84 -4.19
C ALA A 121 -3.64 18.33 -5.60
N CYS A 122 -4.17 17.67 -6.62
CA CYS A 122 -4.05 18.10 -8.00
C CYS A 122 -4.73 19.44 -8.27
N GLY A 123 -4.17 20.19 -9.20
CA GLY A 123 -4.81 21.38 -9.72
C GLY A 123 -6.16 21.09 -10.37
N GLY A 124 -6.29 20.00 -11.12
CA GLY A 124 -7.57 19.74 -11.78
C GLY A 124 -7.97 18.29 -11.83
N VAL A 125 -9.27 18.07 -12.07
CA VAL A 125 -9.82 16.70 -12.13
C VAL A 125 -10.79 16.54 -13.30
N ILE A 126 -10.56 15.49 -14.08
CA ILE A 126 -11.38 15.11 -15.22
C ILE A 126 -11.92 13.71 -14.97
N MET A 127 -13.24 13.57 -15.09
CA MET A 127 -13.85 12.27 -14.87
C MET A 127 -15.04 11.94 -15.76
N GLY A 128 -15.06 10.69 -16.20
CA GLY A 128 -16.22 10.10 -16.82
C GLY A 128 -16.24 10.13 -18.35
N PHE A 129 -15.17 10.59 -19.01
CA PHE A 129 -15.18 10.67 -20.47
C PHE A 129 -14.48 9.47 -21.12
N GLY A 130 -14.11 8.46 -20.34
CA GLY A 130 -13.44 7.31 -20.88
C GLY A 130 -12.07 7.73 -21.39
N PRO A 131 -11.52 7.01 -22.38
CA PRO A 131 -10.19 7.32 -22.92
C PRO A 131 -10.00 8.78 -23.31
N LEU A 132 -11.08 9.40 -23.74
CA LEU A 132 -11.07 10.79 -24.17
C LEU A 132 -10.54 11.71 -23.09
N GLY A 133 -10.86 11.39 -21.83
CA GLY A 133 -10.44 12.22 -20.71
C GLY A 133 -8.96 12.49 -20.76
N TYR A 134 -8.21 11.48 -21.23
CA TYR A 134 -6.77 11.62 -21.32
C TYR A 134 -6.27 12.68 -22.30
N ASN A 135 -6.94 12.85 -23.44
CA ASN A 135 -6.48 13.87 -24.37
C ASN A 135 -6.89 15.24 -23.89
N MET A 136 -8.02 15.27 -23.18
CA MET A 136 -8.53 16.50 -22.54
C MET A 136 -7.46 16.95 -21.55
N ALA A 137 -6.83 16.00 -20.86
CA ALA A 137 -5.79 16.36 -19.91
C ALA A 137 -4.57 16.91 -20.62
N LEU A 138 -4.19 16.32 -21.76
CA LEU A 138 -3.05 16.80 -22.60
C LEU A 138 -3.28 18.19 -23.12
N MET A 139 -4.46 18.40 -23.69
CA MET A 139 -4.88 19.73 -24.00
C MET A 139 -4.67 20.65 -22.80
N ALA A 140 -5.15 20.24 -21.64
CA ALA A 140 -5.17 21.14 -20.49
C ALA A 140 -3.73 21.47 -20.10
N MET A 141 -2.95 20.42 -19.99
CA MET A 141 -1.56 20.52 -19.60
C MET A 141 -0.81 21.47 -20.53
N VAL A 142 -1.03 21.32 -21.83
CA VAL A 142 -0.28 22.09 -22.80
C VAL A 142 -0.63 23.56 -22.65
N ASN A 143 -1.90 23.87 -22.48
CA ASN A 143 -2.27 25.27 -22.22
C ASN A 143 -1.67 25.82 -20.96
N ILE A 144 -1.57 24.99 -19.91
CA ILE A 144 -1.10 25.46 -18.60
C ILE A 144 0.39 25.76 -18.64
N LEU A 145 1.15 24.88 -19.29
CA LEU A 145 2.59 25.04 -19.41
C LEU A 145 2.88 26.22 -20.31
N ALA A 146 2.18 26.27 -21.45
CA ALA A 146 2.22 27.41 -22.37
C ALA A 146 1.91 28.70 -21.65
N GLU A 147 0.90 28.67 -20.79
CA GLU A 147 0.49 29.86 -20.05
C GLU A 147 1.59 30.25 -19.07
N MET A 148 2.00 29.32 -18.21
CA MET A 148 3.11 29.55 -17.27
C MET A 148 4.38 30.14 -17.93
N LYS A 149 4.78 29.60 -19.08
CA LYS A 149 5.99 30.05 -19.80
C LYS A 149 5.82 31.46 -20.35
N ALA A 150 4.66 31.75 -20.92
CA ALA A 150 4.34 33.10 -21.39
C ALA A 150 4.42 34.10 -20.23
N PHE A 151 3.73 33.79 -19.13
CA PHE A 151 3.80 34.61 -17.92
C PHE A 151 5.25 34.78 -17.48
N GLN A 152 5.99 33.69 -17.39
CA GLN A 152 7.31 33.72 -16.72
C GLN A 152 8.29 34.69 -17.39
N GLU A 153 8.64 34.44 -18.64
CA GLU A 153 9.59 35.29 -19.35
C GLU A 153 9.08 36.73 -19.58
N ALA A 154 7.80 36.87 -19.92
CA ALA A 154 7.19 38.21 -20.11
C ALA A 154 7.08 39.03 -18.81
N GLN A 155 6.90 38.37 -17.67
CA GLN A 155 6.95 39.03 -16.35
C GLN A 155 8.39 39.23 -15.87
N LYS A 156 9.28 38.28 -16.19
CA LYS A 156 10.71 38.34 -15.78
C LYS A 156 11.44 39.56 -16.36
N ASN A 157 11.26 39.77 -17.68
CA ASN A 157 11.83 40.92 -18.40
C ASN A 157 11.44 42.28 -17.79
N ASN A 158 10.24 42.37 -17.21
CA ASN A 158 9.70 43.64 -16.74
C ASN A 158 8.61 43.42 -15.69
N MET B 1 23.71 -3.11 21.24
CA MET B 1 22.46 -2.32 21.30
C MET B 1 22.24 -1.54 20.01
N LYS B 2 21.49 -2.15 19.10
CA LYS B 2 21.11 -1.51 17.86
C LYS B 2 19.70 -0.99 17.93
N ILE B 3 19.55 0.26 17.49
CA ILE B 3 18.24 0.88 17.32
C ILE B 3 17.98 1.10 15.82
N LEU B 4 16.92 0.50 15.33
CA LEU B 4 16.50 0.67 13.95
C LEU B 4 15.64 1.90 13.81
N VAL B 5 16.05 2.86 12.99
CA VAL B 5 15.22 4.03 12.65
C VAL B 5 14.57 3.90 11.27
N ILE B 6 13.26 3.59 11.26
CA ILE B 6 12.46 3.51 10.02
C ILE B 6 11.75 4.84 9.73
N GLN B 7 11.96 5.36 8.53
CA GLN B 7 11.30 6.60 8.09
C GLN B 7 10.33 6.29 6.95
N GLY B 8 9.13 6.85 7.04
CA GLY B 8 8.08 6.56 6.07
C GLY B 8 8.10 7.39 4.77
N PRO B 9 7.02 7.27 3.97
CA PRO B 9 6.93 7.90 2.65
C PRO B 9 7.05 9.40 2.66
N ASN B 10 7.72 9.90 1.62
CA ASN B 10 7.96 11.33 1.36
C ASN B 10 8.91 12.03 2.33
N LEU B 11 9.43 11.31 3.32
CA LEU B 11 10.35 11.93 4.29
C LEU B 11 11.72 12.20 3.68
N ASN B 12 12.03 11.49 2.59
CA ASN B 12 13.23 11.73 1.80
C ASN B 12 13.18 13.05 1.03
N MET B 13 11.98 13.56 0.80
CA MET B 13 11.81 14.87 0.17
C MET B 13 11.90 15.98 1.19
N LEU B 14 12.18 15.61 2.42
CA LEU B 14 12.17 16.54 3.52
C LEU B 14 13.24 17.56 3.28
N GLY B 15 13.10 18.70 3.94
CA GLY B 15 14.13 19.74 3.89
C GLY B 15 14.09 20.52 2.60
N HIS B 16 13.88 19.82 1.49
CA HIS B 16 13.85 20.44 0.17
C HIS B 16 12.52 21.16 -0.10
N ARG B 17 11.43 20.81 0.61
CA ARG B 17 10.08 21.29 0.24
C ARG B 17 9.12 21.66 1.43
N ASP B 18 8.25 22.66 1.20
CA ASP B 18 7.34 23.31 2.19
C ASP B 18 7.92 23.76 3.57
N PRO B 19 8.63 24.93 3.59
CA PRO B 19 9.22 25.52 4.81
C PRO B 19 8.25 25.83 5.96
N ARG B 20 6.96 26.04 5.67
CA ARG B 20 6.00 26.47 6.69
C ARG B 20 5.84 25.43 7.80
N LEU B 21 5.55 24.19 7.42
CA LEU B 21 5.38 23.10 8.39
C LEU B 21 6.73 22.47 8.78
N TYR B 22 7.58 22.22 7.79
CA TYR B 22 8.68 21.26 7.93
C TYR B 22 10.08 21.87 8.11
N GLY B 23 10.29 23.10 7.64
CA GLY B 23 11.57 23.77 7.84
C GLY B 23 12.67 23.36 6.87
N MET B 24 13.91 23.70 7.21
CA MET B 24 15.02 23.74 6.24
C MET B 24 16.02 22.57 6.32
N VAL B 25 15.63 21.43 6.85
CA VAL B 25 16.60 20.38 7.21
C VAL B 25 16.32 19.10 6.46
N THR B 26 17.35 18.47 5.90
CA THR B 26 17.15 17.24 5.13
C THR B 26 17.11 16.00 6.04
N LEU B 27 16.53 14.93 5.54
CA LEU B 27 16.49 13.67 6.27
C LEU B 27 17.89 13.20 6.71
N ASP B 28 18.90 13.38 5.86
CA ASP B 28 20.29 13.04 6.18
C ASP B 28 20.82 13.89 7.31
N GLN B 29 20.44 15.15 7.36
CA GLN B 29 20.83 16.01 8.48
C GLN B 29 20.22 15.54 9.80
N ILE B 30 19.00 15.02 9.76
CA ILE B 30 18.35 14.46 10.94
C ILE B 30 19.13 13.23 11.41
N HIS B 31 19.54 12.37 10.48
CA HIS B 31 20.29 11.20 10.86
C HIS B 31 21.69 11.55 11.42
N GLU B 32 22.23 12.72 11.06
CA GLU B 32 23.49 13.21 11.61
C GLU B 32 23.29 13.62 13.06
N ILE B 33 22.36 14.55 13.27
CA ILE B 33 22.02 15.02 14.61
C ILE B 33 21.75 13.84 15.59
N MET B 34 21.22 12.75 15.09
CA MET B 34 20.97 11.60 15.95
C MET B 34 22.29 10.95 16.33
N GLN B 35 23.18 10.77 15.34
CA GLN B 35 24.51 10.17 15.57
C GLN B 35 25.32 11.06 16.51
N THR B 36 25.29 12.36 16.26
CA THR B 36 25.94 13.35 17.13
C THR B 36 25.48 13.16 18.57
N PHE B 37 24.18 13.09 18.79
CA PHE B 37 23.60 12.87 20.13
C PHE B 37 24.21 11.63 20.82
N VAL B 38 24.20 10.50 20.13
CA VAL B 38 24.75 9.24 20.63
C VAL B 38 26.24 9.39 20.96
N LYS B 39 27.00 9.97 20.01
CA LYS B 39 28.45 10.22 20.14
C LYS B 39 28.78 11.11 21.33
N GLN B 40 28.09 12.23 21.44
CA GLN B 40 28.32 13.18 22.53
C GLN B 40 27.93 12.58 23.86
N GLY B 41 26.69 12.14 23.98
CA GLY B 41 26.21 11.49 25.22
C GLY B 41 27.01 10.25 25.62
N ASN B 42 27.78 9.72 24.66
CA ASN B 42 28.74 8.62 24.91
C ASN B 42 28.11 7.23 25.03
N LEU B 43 26.92 7.09 24.46
CA LEU B 43 26.06 5.93 24.66
C LEU B 43 26.48 4.77 23.77
N ASP B 44 26.42 3.54 24.30
CA ASP B 44 26.79 2.31 23.54
C ASP B 44 25.58 1.90 22.68
N VAL B 45 25.32 2.74 21.68
CA VAL B 45 24.17 2.62 20.83
C VAL B 45 24.61 2.75 19.39
N GLU B 46 24.29 1.73 18.59
CA GLU B 46 24.50 1.74 17.13
C GLU B 46 23.17 1.97 16.42
N LEU B 47 23.08 3.05 15.64
CA LEU B 47 21.90 3.37 14.87
C LEU B 47 22.00 2.75 13.47
N GLU B 48 20.89 2.28 12.93
CA GLU B 48 20.78 1.88 11.54
C GLU B 48 19.56 2.60 10.94
N PHE B 49 19.72 3.22 9.78
CA PHE B 49 18.64 4.02 9.23
C PHE B 49 18.01 3.37 8.02
N PHE B 50 16.74 3.68 7.78
CA PHE B 50 16.03 3.10 6.64
C PHE B 50 14.84 3.96 6.25
N GLN B 51 14.76 4.35 4.98
CA GLN B 51 13.62 5.12 4.43
C GLN B 51 12.99 4.42 3.26
N THR B 52 11.67 4.45 3.20
CA THR B 52 10.94 3.81 2.11
C THR B 52 9.60 4.48 1.91
N ASN B 53 9.11 4.42 0.67
CA ASN B 53 7.79 4.84 0.34
C ASN B 53 6.86 3.63 0.19
N PHE B 54 7.33 2.43 0.55
CA PHE B 54 6.53 1.21 0.34
C PHE B 54 6.04 0.62 1.67
N GLU B 55 4.74 0.36 1.78
CA GLU B 55 4.15 -0.14 3.01
C GLU B 55 4.78 -1.48 3.33
N GLY B 56 4.66 -2.44 2.43
CA GLY B 56 5.23 -3.80 2.62
C GLY B 56 6.72 -3.85 2.98
N GLU B 57 7.49 -2.86 2.57
CA GLU B 57 8.88 -2.76 2.99
C GLU B 57 9.03 -2.45 4.47
N ILE B 58 8.23 -1.52 4.99
CA ILE B 58 8.18 -1.19 6.42
C ILE B 58 7.83 -2.44 7.23
N ILE B 59 6.78 -3.11 6.81
CA ILE B 59 6.41 -4.33 7.48
C ILE B 59 7.56 -5.32 7.41
N ASP B 60 8.22 -5.43 6.25
CA ASP B 60 9.32 -6.39 6.07
C ASP B 60 10.38 -6.10 7.09
N LYS B 61 10.77 -4.83 7.19
CA LYS B 61 11.88 -4.46 8.06
C LYS B 61 11.52 -4.62 9.54
N ILE B 62 10.26 -4.40 9.89
CA ILE B 62 9.84 -4.68 11.28
C ILE B 62 9.96 -6.19 11.52
N GLN B 63 9.49 -6.95 10.54
CA GLN B 63 9.50 -8.40 10.64
C GLN B 63 10.97 -8.90 10.80
N GLU B 64 11.92 -8.22 10.17
CA GLU B 64 13.36 -8.56 10.31
C GLU B 64 13.91 -8.23 11.67
N SER B 65 13.26 -7.32 12.37
CA SER B 65 13.73 -6.95 13.69
C SER B 65 13.58 -8.12 14.66
N VAL B 66 12.66 -9.05 14.40
CA VAL B 66 12.38 -10.10 15.38
C VAL B 66 13.60 -11.01 15.56
N GLY B 67 14.21 -11.42 14.44
CA GLY B 67 15.60 -11.97 14.42
C GLY B 67 16.58 -10.87 14.86
N SER B 68 16.93 -10.90 16.14
CA SER B 68 17.22 -9.66 16.86
C SER B 68 18.69 -9.30 17.07
N ASP B 69 19.26 -8.56 16.13
CA ASP B 69 20.38 -7.70 16.45
C ASP B 69 19.81 -6.41 17.07
N TYR B 70 18.50 -6.21 16.90
CA TYR B 70 17.83 -4.95 17.18
C TYR B 70 17.06 -5.03 18.48
N GLU B 71 17.32 -4.08 19.37
CA GLU B 71 16.68 -4.07 20.66
C GLU B 71 15.46 -3.13 20.68
N GLY B 72 15.30 -2.34 19.61
CA GLY B 72 14.20 -1.38 19.54
C GLY B 72 14.09 -0.68 18.20
N ILE B 73 12.96 0.02 18.01
CA ILE B 73 12.60 0.72 16.77
C ILE B 73 12.08 2.12 17.04
N ILE B 74 12.60 3.11 16.33
CA ILE B 74 12.01 4.43 16.31
C ILE B 74 11.39 4.60 14.92
N ILE B 75 10.11 4.91 14.80
CA ILE B 75 9.45 4.91 13.50
C ILE B 75 8.65 6.19 13.31
N ASN B 76 8.72 6.72 12.10
CA ASN B 76 7.81 7.76 11.64
C ASN B 76 7.13 7.22 10.41
N PRO B 77 5.97 6.54 10.57
CA PRO B 77 5.37 5.88 9.43
C PRO B 77 4.73 6.86 8.43
N GLY B 78 4.83 8.16 8.68
CA GLY B 78 4.37 9.16 7.71
C GLY B 78 2.88 9.07 7.53
N ALA B 79 2.41 9.31 6.30
CA ALA B 79 0.97 9.20 6.03
C ALA B 79 0.38 7.81 6.35
N PHE B 80 1.20 6.78 6.41
CA PHE B 80 0.72 5.44 6.70
C PHE B 80 0.19 5.28 8.11
N SER B 81 0.60 6.16 9.01
CA SER B 81 0.12 6.18 10.37
C SER B 81 -1.39 6.14 10.44
N HIS B 82 -2.01 6.84 9.52
CA HIS B 82 -3.43 7.02 9.54
C HIS B 82 -4.18 6.00 8.76
N THR B 83 -3.49 5.16 7.99
CA THR B 83 -4.20 4.22 7.13
C THR B 83 -3.81 2.78 7.35
N SER B 84 -2.64 2.49 7.91
CA SER B 84 -2.09 1.15 7.79
C SER B 84 -2.38 0.32 9.00
N ILE B 85 -3.44 -0.48 8.90
CA ILE B 85 -3.74 -1.45 9.96
C ILE B 85 -2.59 -2.46 9.99
N ALA B 86 -2.12 -2.85 8.80
CA ALA B 86 -1.02 -3.81 8.63
C ALA B 86 0.29 -3.43 9.36
N ILE B 87 0.76 -2.19 9.22
CA ILE B 87 1.96 -1.78 9.94
C ILE B 87 1.69 -1.88 11.44
N ALA B 88 0.54 -1.36 11.89
CA ALA B 88 0.10 -1.49 13.28
C ALA B 88 0.15 -2.95 13.80
N ASP B 89 -0.22 -3.91 12.97
CA ASP B 89 -0.16 -5.31 13.36
C ASP B 89 1.30 -5.72 13.51
N ALA B 90 2.12 -5.42 12.51
CA ALA B 90 3.56 -5.70 12.58
C ALA B 90 4.18 -5.20 13.86
N ILE B 91 3.88 -3.97 14.26
CA ILE B 91 4.42 -3.41 15.49
C ILE B 91 4.01 -4.22 16.70
N MET B 92 2.75 -4.62 16.75
CA MET B 92 2.20 -5.44 17.85
C MET B 92 2.89 -6.79 17.97
N LEU B 93 3.20 -7.43 16.86
CA LEU B 93 3.86 -8.73 16.91
C LEU B 93 5.37 -8.64 17.14
N ALA B 94 5.94 -7.43 17.04
CA ALA B 94 7.41 -7.25 17.11
C ALA B 94 7.93 -7.71 18.45
N GLY B 95 7.18 -7.38 19.50
CA GLY B 95 7.60 -7.68 20.84
C GLY B 95 8.92 -7.01 21.15
N LYS B 96 8.97 -5.69 20.96
CA LYS B 96 10.11 -4.84 21.34
C LYS B 96 9.63 -3.39 21.47
N PRO B 97 10.32 -2.58 22.27
CA PRO B 97 9.82 -1.22 22.33
C PRO B 97 9.89 -0.49 20.97
N VAL B 98 8.75 0.03 20.51
CA VAL B 98 8.66 0.87 19.32
C VAL B 98 8.15 2.24 19.76
N ILE B 99 8.85 3.29 19.37
CA ILE B 99 8.37 4.66 19.57
C ILE B 99 8.00 5.26 18.21
N GLU B 100 6.87 5.97 18.17
CA GLU B 100 6.45 6.68 16.97
C GLU B 100 6.76 8.16 17.09
N VAL B 101 7.38 8.70 16.04
CA VAL B 101 7.74 10.12 15.99
C VAL B 101 7.06 10.79 14.82
N HIS B 102 6.60 12.02 15.02
CA HIS B 102 6.13 12.84 13.93
C HIS B 102 6.71 14.25 14.06
N LEU B 103 7.20 14.80 12.97
CA LEU B 103 7.77 16.14 12.93
C LEU B 103 6.73 17.16 13.33
N THR B 104 5.53 17.00 12.80
CA THR B 104 4.46 17.96 13.03
C THR B 104 3.48 17.46 14.09
N ASN B 105 2.70 18.38 14.64
CA ASN B 105 1.61 18.05 15.57
C ASN B 105 0.40 17.54 14.79
N ILE B 106 0.26 16.22 14.66
CA ILE B 106 -0.85 15.70 13.86
C ILE B 106 -2.22 15.98 14.47
N GLN B 107 -2.26 16.37 15.76
CA GLN B 107 -3.52 16.87 16.37
C GLN B 107 -3.96 18.20 15.81
N ALA B 108 -3.06 18.98 15.22
CA ALA B 108 -3.38 20.34 14.72
C ALA B 108 -3.50 20.44 13.18
N ARG B 109 -3.74 19.33 12.50
CA ARG B 109 -3.77 19.33 11.04
C ARG B 109 -5.14 18.89 10.54
N GLU B 110 -5.22 18.50 9.28
CA GLU B 110 -6.46 18.01 8.73
C GLU B 110 -6.97 16.86 9.58
N GLU B 111 -8.28 16.68 9.50
CA GLU B 111 -9.01 15.71 10.29
C GLU B 111 -8.58 14.29 10.03
N PHE B 112 -8.31 13.95 8.78
CA PHE B 112 -7.86 12.60 8.45
C PHE B 112 -6.48 12.24 8.98
N ARG B 113 -5.76 13.22 9.54
CA ARG B 113 -4.42 12.99 10.10
C ARG B 113 -4.38 12.82 11.62
N LYS B 114 -5.52 12.93 12.29
CA LYS B 114 -5.55 12.88 13.76
C LYS B 114 -5.45 11.46 14.32
N ASN B 115 -5.94 10.51 13.55
CA ASN B 115 -5.95 9.10 13.86
C ASN B 115 -4.60 8.47 13.52
N SER B 116 -3.92 7.92 14.51
CA SER B 116 -2.77 7.06 14.22
C SER B 116 -3.01 5.60 14.64
N TYR B 117 -3.30 4.72 13.69
CA TYR B 117 -3.39 3.28 13.97
C TYR B 117 -2.05 2.74 14.48
N THR B 118 -0.97 3.13 13.81
CA THR B 118 0.38 2.75 14.23
C THR B 118 0.71 3.29 15.62
N GLY B 119 0.36 4.53 15.89
CA GLY B 119 0.60 5.12 17.19
C GLY B 119 -0.04 4.35 18.32
N ALA B 120 -1.27 3.89 18.08
CA ALA B 120 -1.99 3.16 19.10
C ALA B 120 -1.29 1.83 19.43
N ALA B 121 -0.49 1.32 18.49
CA ALA B 121 0.29 0.06 18.67
C ALA B 121 1.63 0.31 19.35
N CYS B 122 2.17 1.52 19.27
CA CYS B 122 3.46 1.80 19.87
C CYS B 122 3.33 2.05 21.37
N GLY B 123 4.45 1.91 22.07
CA GLY B 123 4.50 2.23 23.49
C GLY B 123 4.24 3.72 23.72
N GLY B 124 4.88 4.57 22.92
CA GLY B 124 4.76 6.01 23.14
C GLY B 124 4.76 6.75 21.83
N VAL B 125 4.27 7.98 21.84
CA VAL B 125 4.16 8.77 20.63
C VAL B 125 4.72 10.16 20.92
N ILE B 126 5.55 10.69 20.01
CA ILE B 126 6.08 12.07 20.13
C ILE B 126 5.74 12.82 18.89
N MET B 127 5.19 14.01 19.04
CA MET B 127 4.75 14.76 17.87
C MET B 127 4.91 16.26 18.04
N GLY B 128 5.36 16.93 16.98
CA GLY B 128 5.30 18.38 16.88
C GLY B 128 6.57 19.13 17.22
N PHE B 129 7.68 18.43 17.40
CA PHE B 129 8.93 19.06 17.79
C PHE B 129 9.98 19.19 16.66
N GLY B 130 9.58 19.05 15.40
CA GLY B 130 10.54 18.95 14.33
C GLY B 130 11.58 17.86 14.57
N PRO B 131 12.83 18.07 14.08
CA PRO B 131 13.85 17.01 14.17
C PRO B 131 14.22 16.60 15.59
N LEU B 132 14.07 17.56 16.51
CA LEU B 132 14.30 17.33 17.94
C LEU B 132 13.59 16.08 18.48
N GLY B 133 12.35 15.86 18.02
CA GLY B 133 11.54 14.73 18.43
C GLY B 133 12.30 13.43 18.29
N TYR B 134 13.16 13.40 17.29
CA TYR B 134 13.96 12.21 17.02
C TYR B 134 14.94 11.89 18.15
N ASN B 135 15.51 12.94 18.75
CA ASN B 135 16.47 12.73 19.84
C ASN B 135 15.76 12.37 21.15
N MET B 136 14.63 13.04 21.36
CA MET B 136 13.73 12.71 22.45
C MET B 136 13.43 11.22 22.40
N ALA B 137 13.14 10.69 21.21
CA ALA B 137 12.91 9.25 21.07
C ALA B 137 14.09 8.43 21.54
N LEU B 138 15.29 8.82 21.11
CA LEU B 138 16.56 8.15 21.52
C LEU B 138 16.75 8.15 23.02
N MET B 139 16.65 9.33 23.62
CA MET B 139 16.69 9.40 25.07
C MET B 139 15.79 8.34 25.69
N ALA B 140 14.55 8.28 25.23
CA ALA B 140 13.53 7.50 25.88
C ALA B 140 13.83 6.06 25.68
N MET B 141 14.24 5.72 24.47
CA MET B 141 14.53 4.34 24.12
C MET B 141 15.72 3.81 24.95
N VAL B 142 16.74 4.63 25.12
CA VAL B 142 17.90 4.24 25.91
C VAL B 142 17.51 4.00 27.38
N ASN B 143 16.77 4.94 27.94
CA ASN B 143 16.12 4.75 29.24
C ASN B 143 15.19 3.53 29.35
N ILE B 144 14.36 3.28 28.35
CA ILE B 144 13.44 2.13 28.40
C ILE B 144 14.24 0.83 28.42
N LEU B 145 15.32 0.81 27.64
CA LEU B 145 16.15 -0.38 27.46
C LEU B 145 17.00 -0.62 28.69
N ALA B 146 17.51 0.45 29.29
CA ALA B 146 18.22 0.36 30.55
C ALA B 146 17.36 -0.30 31.62
N GLU B 147 16.12 0.19 31.80
CA GLU B 147 15.22 -0.40 32.79
C GLU B 147 15.05 -1.88 32.56
N MET B 148 14.64 -2.23 31.35
CA MET B 148 14.41 -3.62 30.98
C MET B 148 15.57 -4.53 31.41
N LYS B 149 16.80 -4.16 31.04
CA LYS B 149 18.02 -4.89 31.44
C LYS B 149 18.18 -5.05 32.96
N ALA B 150 18.13 -3.94 33.68
CA ALA B 150 18.16 -3.95 35.14
C ALA B 150 17.12 -4.93 35.66
N PHE B 151 15.85 -4.69 35.31
CA PHE B 151 14.70 -5.58 35.62
C PHE B 151 14.95 -7.06 35.29
N GLN B 152 15.60 -7.31 34.14
CA GLN B 152 15.78 -8.68 33.63
C GLN B 152 16.65 -9.58 34.54
N GLU B 153 17.81 -9.07 34.98
CA GLU B 153 18.68 -9.81 35.91
C GLU B 153 18.15 -9.81 37.37
N ALA B 154 17.55 -8.69 37.81
CA ALA B 154 17.03 -8.58 39.18
C ALA B 154 15.76 -9.41 39.49
N GLN B 155 14.98 -9.78 38.46
CA GLN B 155 13.71 -10.56 38.64
C GLN B 155 13.87 -12.10 38.50
N LYS B 156 15.03 -12.55 38.00
CA LYS B 156 15.36 -14.00 37.97
C LYS B 156 16.08 -14.49 39.26
N ASN B 157 16.89 -13.62 39.89
CA ASN B 157 17.68 -13.95 41.10
C ASN B 157 16.96 -13.72 42.47
N ASN B 158 15.64 -13.51 42.45
CA ASN B 158 14.85 -13.42 43.68
C ASN B 158 14.69 -14.80 44.34
N MET C 1 -6.19 -29.46 -12.23
CA MET C 1 -6.92 -28.46 -11.39
C MET C 1 -5.98 -27.81 -10.36
N LYS C 2 -5.51 -26.63 -10.73
CA LYS C 2 -4.55 -25.89 -9.93
C LYS C 2 -5.25 -24.75 -9.14
N ILE C 3 -4.95 -24.65 -7.85
CA ILE C 3 -5.57 -23.70 -6.94
C ILE C 3 -4.49 -22.85 -6.29
N LEU C 4 -4.61 -21.52 -6.46
CA LEU C 4 -3.68 -20.57 -5.84
C LEU C 4 -4.11 -20.19 -4.41
N VAL C 5 -3.18 -20.28 -3.45
CA VAL C 5 -3.39 -19.77 -2.08
C VAL C 5 -2.53 -18.52 -1.81
N ILE C 6 -3.16 -17.36 -1.78
CA ILE C 6 -2.49 -16.12 -1.42
C ILE C 6 -2.69 -15.89 0.06
N GLN C 7 -1.63 -15.47 0.73
CA GLN C 7 -1.64 -15.13 2.15
C GLN C 7 -1.14 -13.70 2.29
N GLY C 8 -1.86 -12.88 3.05
CA GLY C 8 -1.56 -11.46 3.14
C GLY C 8 -0.49 -11.15 4.18
N PRO C 9 -0.36 -9.85 4.55
CA PRO C 9 0.72 -9.39 5.40
C PRO C 9 0.64 -9.96 6.80
N ASN C 10 1.81 -10.11 7.42
CA ASN C 10 1.97 -10.66 8.79
C ASN C 10 1.59 -12.13 9.02
N LEU C 11 0.99 -12.77 8.03
CA LEU C 11 0.65 -14.17 8.16
C LEU C 11 1.91 -15.04 8.28
N ASN C 12 3.04 -14.54 7.80
CA ASN C 12 4.28 -15.27 7.91
C ASN C 12 4.81 -15.33 9.35
N MET C 13 4.40 -14.39 10.20
CA MET C 13 4.82 -14.37 11.61
C MET C 13 3.90 -15.19 12.46
N LEU C 14 2.92 -15.79 11.82
CA LEU C 14 2.05 -16.74 12.49
C LEU C 14 2.84 -17.85 13.21
N GLY C 15 2.36 -18.25 14.37
CA GLY C 15 3.12 -19.13 15.27
C GLY C 15 3.97 -18.33 16.23
N HIS C 16 4.06 -17.02 16.01
CA HIS C 16 4.76 -16.13 16.94
C HIS C 16 3.87 -14.93 17.42
N ARG C 17 2.60 -14.92 17.02
CA ARG C 17 1.70 -13.80 17.32
C ARG C 17 1.01 -13.97 18.68
N ASP C 18 0.01 -13.14 18.96
CA ASP C 18 -0.84 -13.30 20.14
C ASP C 18 -1.35 -14.74 20.23
N PRO C 19 -0.91 -15.50 21.25
CA PRO C 19 -1.25 -16.94 21.36
C PRO C 19 -2.73 -17.25 21.60
N ARG C 20 -3.50 -16.26 22.08
CA ARG C 20 -4.93 -16.45 22.27
C ARG C 20 -5.67 -16.60 20.94
N LEU C 21 -5.64 -15.54 20.12
CA LEU C 21 -6.35 -15.50 18.82
C LEU C 21 -5.86 -16.57 17.82
N TYR C 22 -4.53 -16.74 17.73
CA TYR C 22 -3.89 -17.48 16.63
C TYR C 22 -3.33 -18.86 17.02
N GLY C 23 -3.10 -19.07 18.32
CA GLY C 23 -2.50 -20.32 18.78
C GLY C 23 -1.00 -20.29 18.59
N MET C 24 -0.45 -21.43 18.16
CA MET C 24 1.00 -21.64 18.06
C MET C 24 1.35 -22.43 16.78
N VAL C 25 0.54 -22.26 15.75
CA VAL C 25 0.69 -22.95 14.48
C VAL C 25 1.49 -22.04 13.55
N THR C 26 2.15 -22.61 12.55
CA THR C 26 2.88 -21.81 11.57
C THR C 26 2.20 -21.81 10.19
N LEU C 27 2.51 -20.78 9.39
CA LEU C 27 2.03 -20.71 8.04
C LEU C 27 2.49 -21.94 7.26
N ASP C 28 3.74 -22.38 7.46
CA ASP C 28 4.25 -23.65 6.87
C ASP C 28 3.35 -24.80 7.27
N GLN C 29 3.07 -24.92 8.57
CA GLN C 29 2.13 -25.95 9.08
C GLN C 29 0.72 -25.91 8.47
N ILE C 30 0.14 -24.73 8.22
CA ILE C 30 -1.18 -24.67 7.58
C ILE C 30 -1.12 -25.24 6.18
N HIS C 31 -0.05 -24.93 5.46
CA HIS C 31 0.08 -25.38 4.07
C HIS C 31 0.28 -26.90 3.97
N GLU C 32 0.84 -27.51 5.01
CA GLU C 32 0.90 -28.97 5.10
C GLU C 32 -0.50 -29.52 5.31
N ILE C 33 -1.19 -29.02 6.33
CA ILE C 33 -2.59 -29.41 6.57
C ILE C 33 -3.47 -29.40 5.30
N MET C 34 -3.28 -28.40 4.44
CA MET C 34 -3.99 -28.35 3.15
C MET C 34 -3.55 -29.43 2.14
N GLN C 35 -2.25 -29.73 2.11
CA GLN C 35 -1.75 -30.79 1.21
C GLN C 35 -2.35 -32.13 1.66
N THR C 36 -2.16 -32.40 2.96
CA THR C 36 -2.70 -33.59 3.60
C THR C 36 -4.17 -33.76 3.33
N PHE C 37 -4.90 -32.66 3.29
CA PHE C 37 -6.32 -32.75 3.04
C PHE C 37 -6.56 -33.09 1.58
N VAL C 38 -5.67 -32.69 0.67
CA VAL C 38 -5.79 -33.00 -0.77
C VAL C 38 -5.45 -34.46 -1.02
N LYS C 39 -4.31 -34.88 -0.47
CA LYS C 39 -3.83 -36.28 -0.54
C LYS C 39 -4.96 -37.20 -0.07
N GLN C 40 -5.24 -37.13 1.22
CA GLN C 40 -6.25 -38.00 1.86
C GLN C 40 -7.63 -37.99 1.22
N GLY C 41 -7.94 -36.97 0.42
CA GLY C 41 -9.26 -36.88 -0.22
C GLY C 41 -9.34 -37.30 -1.68
N ASN C 42 -8.19 -37.59 -2.28
CA ASN C 42 -8.08 -37.90 -3.73
C ASN C 42 -8.78 -36.83 -4.58
N LEU C 43 -8.37 -35.59 -4.36
CA LEU C 43 -8.85 -34.47 -5.14
C LEU C 43 -7.70 -34.17 -6.07
N ASP C 44 -7.92 -34.36 -7.37
CA ASP C 44 -6.91 -34.01 -8.36
C ASP C 44 -6.72 -32.49 -8.30
N VAL C 45 -5.82 -32.05 -7.41
CA VAL C 45 -5.70 -30.64 -7.00
C VAL C 45 -4.24 -30.25 -6.78
N GLU C 46 -3.73 -29.32 -7.59
CA GLU C 46 -2.36 -28.88 -7.46
C GLU C 46 -2.33 -27.51 -6.78
N LEU C 47 -1.83 -27.45 -5.54
CA LEU C 47 -1.79 -26.18 -4.77
C LEU C 47 -0.50 -25.38 -4.90
N GLU C 48 -0.61 -24.08 -5.15
CA GLU C 48 0.54 -23.20 -5.04
C GLU C 48 0.33 -22.14 -3.95
N PHE C 49 1.34 -21.95 -3.13
CA PHE C 49 1.28 -21.02 -2.00
C PHE C 49 2.17 -19.82 -2.24
N PHE C 50 1.71 -18.66 -1.76
CA PHE C 50 2.39 -17.37 -1.97
C PHE C 50 1.99 -16.45 -0.83
N GLN C 51 2.97 -15.93 -0.11
CA GLN C 51 2.73 -14.96 0.94
C GLN C 51 3.53 -13.70 0.75
N THR C 52 2.90 -12.56 0.96
CA THR C 52 3.57 -11.26 0.82
C THR C 52 2.99 -10.27 1.81
N ASN C 53 3.79 -9.27 2.19
CA ASN C 53 3.32 -8.10 2.92
C ASN C 53 3.05 -6.91 2.00
N PHE C 54 3.08 -7.11 0.68
CA PHE C 54 2.89 -5.99 -0.24
C PHE C 54 1.53 -6.06 -0.88
N GLU C 55 0.76 -4.99 -0.79
CA GLU C 55 -0.52 -4.90 -1.53
C GLU C 55 -0.32 -5.21 -3.03
N GLY C 56 0.63 -4.53 -3.67
CA GLY C 56 0.87 -4.65 -5.10
C GLY C 56 1.19 -6.04 -5.60
N GLU C 57 1.92 -6.82 -4.81
CA GLU C 57 2.21 -8.20 -5.19
C GLU C 57 1.00 -9.11 -5.25
N ILE C 58 0.07 -8.92 -4.31
CA ILE C 58 -1.22 -9.58 -4.32
C ILE C 58 -1.97 -9.21 -5.60
N ILE C 59 -1.98 -7.93 -5.93
CA ILE C 59 -2.64 -7.50 -7.15
C ILE C 59 -1.95 -8.15 -8.37
N ASP C 60 -0.61 -8.08 -8.43
CA ASP C 60 0.17 -8.78 -9.46
C ASP C 60 -0.30 -10.22 -9.59
N LYS C 61 -0.31 -10.95 -8.48
CA LYS C 61 -0.66 -12.37 -8.53
C LYS C 61 -2.03 -12.64 -9.03
N ILE C 62 -3.01 -11.97 -8.46
CA ILE C 62 -4.38 -12.15 -8.88
C ILE C 62 -4.45 -11.94 -10.40
N GLN C 63 -3.83 -10.86 -10.88
CA GLN C 63 -3.75 -10.57 -12.32
C GLN C 63 -3.11 -11.70 -13.15
N GLU C 64 -2.02 -12.31 -12.67
CA GLU C 64 -1.37 -13.42 -13.38
C GLU C 64 -2.23 -14.66 -13.44
N SER C 65 -3.21 -14.74 -12.55
CA SER C 65 -4.13 -15.87 -12.58
C SER C 65 -4.98 -15.82 -13.83
N VAL C 66 -5.13 -14.64 -14.41
CA VAL C 66 -5.92 -14.49 -15.64
C VAL C 66 -5.26 -15.23 -16.86
N GLY C 67 -3.93 -15.27 -16.90
CA GLY C 67 -3.20 -16.26 -17.75
C GLY C 67 -3.40 -17.66 -17.18
N SER C 68 -4.58 -18.21 -17.45
CA SER C 68 -5.24 -19.09 -16.51
C SER C 68 -4.78 -20.55 -16.42
N ASP C 69 -3.62 -20.81 -15.85
CA ASP C 69 -3.34 -22.20 -15.43
C ASP C 69 -4.17 -22.47 -14.17
N TYR C 70 -4.41 -21.42 -13.38
CA TYR C 70 -5.19 -21.53 -12.15
C TYR C 70 -6.69 -21.36 -12.39
N GLU C 71 -7.49 -22.15 -11.69
CA GLU C 71 -8.94 -22.07 -11.88
C GLU C 71 -9.66 -21.45 -10.70
N GLY C 72 -9.02 -21.43 -9.54
CA GLY C 72 -9.61 -20.80 -8.36
C GLY C 72 -8.57 -20.17 -7.48
N ILE C 73 -9.02 -19.27 -6.61
CA ILE C 73 -8.13 -18.62 -5.65
C ILE C 73 -8.71 -18.68 -4.23
N ILE C 74 -7.84 -18.99 -3.28
CA ILE C 74 -8.20 -18.95 -1.88
C ILE C 74 -7.31 -17.89 -1.26
N ILE C 75 -7.89 -16.81 -0.74
CA ILE C 75 -7.11 -15.65 -0.28
C ILE C 75 -7.45 -15.22 1.15
N ASN C 76 -6.43 -14.90 1.92
CA ASN C 76 -6.60 -14.26 3.21
C ASN C 76 -5.85 -12.96 3.13
N PRO C 77 -6.53 -11.86 2.76
CA PRO C 77 -5.80 -10.65 2.48
C PRO C 77 -5.25 -9.99 3.72
N GLY C 78 -5.63 -10.50 4.88
CA GLY C 78 -5.15 -9.93 6.13
C GLY C 78 -5.76 -8.59 6.42
N ALA C 79 -4.94 -7.71 7.00
CA ALA C 79 -5.35 -6.35 7.30
C ALA C 79 -5.81 -5.58 6.04
N PHE C 80 -5.30 -5.94 4.87
CA PHE C 80 -5.71 -5.26 3.65
C PHE C 80 -7.18 -5.48 3.29
N SER C 81 -7.86 -6.41 3.96
CA SER C 81 -9.27 -6.72 3.67
C SER C 81 -10.15 -5.55 4.01
N HIS C 82 -9.68 -4.74 4.96
CA HIS C 82 -10.42 -3.64 5.49
C HIS C 82 -10.06 -2.33 4.85
N THR C 83 -8.96 -2.29 4.11
CA THR C 83 -8.49 -1.06 3.53
C THR C 83 -8.34 -1.10 2.01
N SER C 84 -8.13 -2.27 1.39
CA SER C 84 -7.75 -2.29 -0.04
C SER C 84 -8.92 -2.36 -1.02
N ILE C 85 -9.23 -1.22 -1.64
CA ILE C 85 -10.18 -1.19 -2.75
C ILE C 85 -9.48 -1.79 -3.99
N ALA C 86 -8.19 -1.48 -4.17
CA ALA C 86 -7.37 -2.09 -5.24
C ALA C 86 -7.51 -3.61 -5.28
N ILE C 87 -7.24 -4.31 -4.19
CA ILE C 87 -7.35 -5.78 -4.24
C ILE C 87 -8.78 -6.22 -4.56
N ALA C 88 -9.78 -5.54 -3.98
CA ALA C 88 -11.16 -5.87 -4.26
C ALA C 88 -11.44 -5.73 -5.75
N ASP C 89 -10.88 -4.73 -6.42
CA ASP C 89 -11.13 -4.57 -7.87
C ASP C 89 -10.50 -5.71 -8.65
N ALA C 90 -9.27 -6.07 -8.29
CA ALA C 90 -8.57 -7.18 -8.92
C ALA C 90 -9.36 -8.46 -8.80
N ILE C 91 -9.92 -8.72 -7.62
CA ILE C 91 -10.74 -9.91 -7.43
C ILE C 91 -11.91 -9.86 -8.39
N MET C 92 -12.51 -8.68 -8.50
CA MET C 92 -13.67 -8.51 -9.37
C MET C 92 -13.35 -8.78 -10.82
N LEU C 93 -12.12 -8.60 -11.24
CA LEU C 93 -11.81 -8.86 -12.64
C LEU C 93 -10.97 -10.10 -12.85
N ALA C 94 -10.95 -11.02 -11.88
CA ALA C 94 -10.23 -12.28 -12.07
C ALA C 94 -11.02 -13.22 -12.96
N GLY C 95 -12.34 -13.05 -13.00
CA GLY C 95 -13.18 -14.02 -13.71
C GLY C 95 -13.13 -15.46 -13.23
N LYS C 96 -12.77 -15.70 -11.98
CA LYS C 96 -12.80 -17.06 -11.44
C LYS C 96 -13.04 -17.05 -9.95
N PRO C 97 -13.57 -18.16 -9.41
CA PRO C 97 -13.96 -18.15 -8.02
C PRO C 97 -12.82 -17.78 -7.10
N VAL C 98 -13.13 -16.93 -6.13
CA VAL C 98 -12.20 -16.49 -5.11
C VAL C 98 -12.92 -16.63 -3.80
N ILE C 99 -12.30 -17.30 -2.85
CA ILE C 99 -12.87 -17.50 -1.53
C ILE C 99 -11.96 -16.81 -0.55
N GLU C 100 -12.55 -16.02 0.33
CA GLU C 100 -11.78 -15.31 1.38
C GLU C 100 -11.83 -16.12 2.66
N VAL C 101 -10.66 -16.28 3.28
CA VAL C 101 -10.53 -16.95 4.53
C VAL C 101 -9.91 -16.02 5.59
N HIS C 102 -10.47 -16.07 6.79
CA HIS C 102 -9.87 -15.48 7.95
C HIS C 102 -9.78 -16.52 9.06
N LEU C 103 -8.68 -16.45 9.79
CA LEU C 103 -8.43 -17.31 10.94
C LEU C 103 -9.37 -16.92 12.07
N THR C 104 -9.31 -15.66 12.44
CA THR C 104 -10.13 -15.12 13.51
C THR C 104 -11.50 -14.66 13.04
N ASN C 105 -12.44 -14.58 13.98
CA ASN C 105 -13.79 -14.07 13.70
C ASN C 105 -13.73 -12.56 13.64
N ILE C 106 -13.70 -12.00 12.44
CA ILE C 106 -13.53 -10.54 12.32
C ILE C 106 -14.76 -9.73 12.70
N GLN C 107 -15.94 -10.35 12.74
CA GLN C 107 -17.10 -9.69 13.32
C GLN C 107 -16.89 -9.51 14.80
N ALA C 108 -15.96 -10.22 15.42
CA ALA C 108 -15.78 -10.19 16.90
C ALA C 108 -14.57 -9.39 17.38
N ARG C 109 -13.94 -8.62 16.51
CA ARG C 109 -12.75 -7.84 16.92
C ARG C 109 -13.06 -6.35 16.89
N GLU C 110 -12.02 -5.53 16.78
CA GLU C 110 -12.16 -4.08 16.67
C GLU C 110 -13.12 -3.67 15.54
N GLU C 111 -13.57 -2.43 15.63
CA GLU C 111 -14.57 -1.91 14.75
C GLU C 111 -14.04 -1.83 13.34
N PHE C 112 -12.78 -1.43 13.17
CA PHE C 112 -12.21 -1.25 11.84
C PHE C 112 -11.88 -2.56 11.11
N ARG C 113 -12.09 -3.69 11.77
CA ARG C 113 -11.82 -5.02 11.17
C ARG C 113 -13.06 -5.69 10.66
N LYS C 114 -14.20 -5.01 10.77
CA LYS C 114 -15.50 -5.61 10.50
C LYS C 114 -15.86 -5.60 9.03
N ASN C 115 -15.59 -4.49 8.35
CA ASN C 115 -15.84 -4.38 6.92
C ASN C 115 -14.75 -5.15 6.20
N SER C 116 -15.13 -5.94 5.21
CA SER C 116 -14.18 -6.47 4.26
C SER C 116 -14.51 -6.03 2.84
N TYR C 117 -13.78 -5.06 2.31
CA TYR C 117 -13.91 -4.72 0.88
C TYR C 117 -13.65 -5.96 0.04
N THR C 118 -12.54 -6.62 0.32
CA THR C 118 -12.15 -7.79 -0.45
C THR C 118 -13.22 -8.86 -0.40
N GLY C 119 -13.80 -9.07 0.78
CA GLY C 119 -14.85 -10.09 0.99
C GLY C 119 -16.16 -9.85 0.24
N ALA C 120 -16.49 -8.58 0.05
CA ALA C 120 -17.68 -8.24 -0.73
C ALA C 120 -17.49 -8.62 -2.18
N ALA C 121 -16.25 -8.64 -2.66
CA ALA C 121 -15.90 -9.05 -4.03
C ALA C 121 -15.86 -10.58 -4.20
N CYS C 122 -15.40 -11.32 -3.18
CA CYS C 122 -15.32 -12.77 -3.27
C CYS C 122 -16.71 -13.41 -3.36
N GLY C 123 -16.75 -14.66 -3.86
CA GLY C 123 -17.99 -15.42 -3.89
C GLY C 123 -18.44 -15.79 -2.48
N GLY C 124 -17.47 -16.00 -1.59
CA GLY C 124 -17.75 -16.42 -0.23
C GLY C 124 -16.67 -16.12 0.79
N VAL C 125 -17.07 -16.10 2.07
CA VAL C 125 -16.16 -15.72 3.15
C VAL C 125 -16.26 -16.75 4.27
N ILE C 126 -15.11 -17.08 4.87
CA ILE C 126 -15.02 -18.03 5.97
C ILE C 126 -14.20 -17.37 7.06
N MET C 127 -14.72 -17.28 8.29
CA MET C 127 -13.97 -16.65 9.36
C MET C 127 -14.18 -17.38 10.65
N GLY C 128 -13.19 -17.34 11.52
CA GLY C 128 -13.35 -17.83 12.87
C GLY C 128 -12.84 -19.23 13.19
N PHE C 129 -12.54 -20.03 12.17
CA PHE C 129 -12.20 -21.43 12.39
C PHE C 129 -10.70 -21.69 12.44
N GLY C 130 -9.88 -20.68 12.66
CA GLY C 130 -8.42 -20.90 12.60
C GLY C 130 -7.96 -21.65 11.35
N PRO C 131 -6.86 -22.42 11.45
CA PRO C 131 -6.31 -23.23 10.32
C PRO C 131 -7.34 -24.07 9.56
N LEU C 132 -8.27 -24.67 10.29
CA LEU C 132 -9.29 -25.52 9.70
C LEU C 132 -10.01 -24.84 8.52
N GLY C 133 -10.17 -23.51 8.60
CA GLY C 133 -10.87 -22.70 7.59
C GLY C 133 -10.33 -22.84 6.18
N TYR C 134 -9.02 -22.98 6.07
CA TYR C 134 -8.42 -23.26 4.75
C TYR C 134 -8.92 -24.59 4.13
N ASN C 135 -9.03 -25.64 4.96
CA ASN C 135 -9.55 -26.92 4.44
C ASN C 135 -11.03 -26.80 4.03
N MET C 136 -11.79 -25.95 4.73
CA MET C 136 -13.18 -25.72 4.34
C MET C 136 -13.23 -24.99 2.98
N ALA C 137 -12.30 -24.04 2.78
CA ALA C 137 -12.21 -23.31 1.53
C ALA C 137 -11.91 -24.27 0.36
N LEU C 138 -10.89 -25.11 0.53
CA LEU C 138 -10.59 -26.24 -0.40
C LEU C 138 -11.79 -27.10 -0.73
N MET C 139 -12.47 -27.56 0.31
CA MET C 139 -13.68 -28.33 0.13
C MET C 139 -14.66 -27.62 -0.80
N ALA C 140 -14.81 -26.33 -0.62
CA ALA C 140 -15.83 -25.59 -1.36
C ALA C 140 -15.32 -25.31 -2.74
N MET C 141 -14.02 -25.03 -2.84
CA MET C 141 -13.43 -24.67 -4.13
C MET C 141 -13.54 -25.84 -5.11
N VAL C 142 -13.14 -27.03 -4.66
CA VAL C 142 -13.33 -28.28 -5.38
C VAL C 142 -14.78 -28.47 -5.79
N ASN C 143 -15.69 -28.20 -4.88
CA ASN C 143 -17.09 -28.45 -5.15
C ASN C 143 -17.68 -27.45 -6.16
N ILE C 144 -17.13 -26.25 -6.22
CA ILE C 144 -17.63 -25.18 -7.11
C ILE C 144 -17.12 -25.36 -8.54
N LEU C 145 -15.90 -25.86 -8.69
CA LEU C 145 -15.31 -26.16 -9.98
C LEU C 145 -16.01 -27.38 -10.59
N ALA C 146 -16.24 -28.42 -9.78
CA ALA C 146 -17.02 -29.58 -10.22
C ALA C 146 -18.42 -29.21 -10.72
N GLU C 147 -19.10 -28.33 -9.99
CA GLU C 147 -20.44 -27.88 -10.37
C GLU C 147 -20.41 -26.98 -11.60
N MET C 148 -19.40 -26.11 -11.68
CA MET C 148 -19.20 -25.24 -12.86
C MET C 148 -18.89 -26.04 -14.12
N LYS C 149 -18.16 -27.15 -13.94
CA LYS C 149 -17.66 -27.94 -15.06
C LYS C 149 -18.71 -28.92 -15.59
N ALA C 150 -19.64 -29.32 -14.74
CA ALA C 150 -20.83 -30.05 -15.17
C ALA C 150 -21.79 -29.14 -15.95
N PHE C 151 -21.75 -27.86 -15.62
CA PHE C 151 -22.65 -26.81 -16.16
C PHE C 151 -22.17 -26.27 -17.51
N GLN C 152 -20.85 -26.26 -17.70
CA GLN C 152 -20.21 -25.85 -18.98
C GLN C 152 -20.35 -26.94 -20.07
N GLU C 153 -20.36 -28.21 -19.67
CA GLU C 153 -20.63 -29.34 -20.58
C GLU C 153 -22.15 -29.57 -20.82
N ALA C 154 -22.99 -29.07 -19.90
CA ALA C 154 -24.46 -29.18 -20.02
C ALA C 154 -25.11 -28.11 -20.93
N GLN C 155 -24.34 -27.09 -21.35
CA GLN C 155 -24.84 -26.03 -22.26
C GLN C 155 -24.07 -25.84 -23.57
N LYS C 156 -22.99 -26.62 -23.79
CA LYS C 156 -22.30 -26.65 -25.10
C LYS C 156 -22.81 -27.80 -26.01
N ASN C 157 -23.48 -28.79 -25.41
CA ASN C 157 -24.10 -29.91 -26.13
C ASN C 157 -25.51 -29.62 -26.68
N ASN C 158 -26.18 -28.59 -26.13
CA ASN C 158 -27.61 -28.34 -26.43
C ASN C 158 -27.84 -27.24 -27.47
#